data_9V69
#
_entry.id   9V69
#
_cell.length_a   48.021
_cell.length_b   79.255
_cell.length_c   86.827
_cell.angle_alpha   90.000
_cell.angle_beta   90.000
_cell.angle_gamma   90.000
#
_symmetry.space_group_name_H-M   'P 21 21 21'
#
loop_
_entity.id
_entity.type
_entity.pdbx_description
1 polymer 'NADH-cytochrome b5 reductase 3'
2 non-polymer 'DIHYDROFLAVINE-ADENINE DINUCLEOTIDE'
3 non-polymer NICOTINAMIDE-ADENINE-DINUCLEOTIDE
4 water water
#
_entity_poly.entity_id   1
_entity_poly.type   'polypeptide(L)'
_entity_poly.pdbx_seq_one_letter_code
;STPAITLENPDIKYPLRLIDKEVVNHDTRRFRFALPSPQHILGLPVGQHIYLSARIDGNLVIRPYTPVSSDDDKGFVDLV
IKVYFKDTHPKFPAGGKMSQYLESMKIGDTIEFRGPNGLLVYQGKGKFAIRPDKKSSPVIKTVKSVGMIAGGTGITPMLQ
VIRAIMKDPDDHTVCHLLFANQTEKDILLRPELEELRNEHSARFKLWYTVDRAPEAWDYSQGFVNEEMIRDHLPPPEEEP
LVLMCGPPPMIQYACLPNLERVGHPKERCFAF
;
_entity_poly.pdbx_strand_id   A
#
loop_
_chem_comp.id
_chem_comp.type
_chem_comp.name
_chem_comp.formula
FDA non-polymer 'DIHYDROFLAVINE-ADENINE DINUCLEOTIDE' 'C27 H35 N9 O15 P2'
NAD non-polymer NICOTINAMIDE-ADENINE-DINUCLEOTIDE 'C21 H27 N7 O14 P2'
#
# COMPACT_ATOMS: atom_id res chain seq x y z
N SER A 1 -25.47 3.84 17.10
CA SER A 1 -24.39 4.89 16.96
C SER A 1 -23.55 4.53 15.76
N THR A 2 -22.49 5.30 15.54
CA THR A 2 -21.31 4.99 14.80
C THR A 2 -20.08 5.27 15.65
N PRO A 3 -19.01 4.65 15.46
CA PRO A 3 -17.82 4.86 16.30
C PRO A 3 -17.25 6.26 16.17
N ALA A 4 -16.66 6.79 17.28
CA ALA A 4 -15.97 8.07 17.29
C ALA A 4 -14.80 8.04 16.35
N ILE A 5 -14.69 9.22 15.72
N ILE A 5 -14.68 9.09 15.54
CA ILE A 5 -13.68 9.33 14.64
CA ILE A 5 -13.61 9.21 14.57
C ILE A 5 -12.44 10.02 15.17
C ILE A 5 -12.43 10.00 15.10
N THR A 6 -11.23 9.50 14.79
CA THR A 6 -9.98 10.16 15.23
C THR A 6 -9.72 11.40 14.39
N LEU A 7 -9.66 11.20 13.07
CA LEU A 7 -9.27 12.27 12.13
C LEU A 7 -10.48 13.09 11.81
N GLU A 8 -10.94 13.86 12.79
CA GLU A 8 -12.16 14.68 12.61
C GLU A 8 -11.97 15.90 11.75
N ASN A 9 -10.77 16.49 11.82
N ASN A 9 -10.97 16.70 12.11
CA ASN A 9 -10.41 17.66 11.04
CA ASN A 9 -10.66 17.92 11.37
C ASN A 9 -9.09 17.38 10.34
C ASN A 9 -9.34 17.82 10.60
N PRO A 10 -8.99 17.75 9.05
N PRO A 10 -9.40 18.11 9.30
CA PRO A 10 -7.75 17.46 8.26
CA PRO A 10 -8.25 18.10 8.39
C PRO A 10 -6.56 18.41 8.49
C PRO A 10 -7.12 19.04 8.79
N ASP A 11 -6.83 19.46 9.25
N ASP A 11 -7.39 20.08 9.58
CA ASP A 11 -5.82 20.45 9.60
CA ASP A 11 -6.32 20.98 9.95
C ASP A 11 -5.33 20.22 11.03
C ASP A 11 -5.84 20.67 11.36
N ILE A 12 -6.07 19.44 11.81
CA ILE A 12 -5.66 19.17 13.18
C ILE A 12 -4.64 18.06 13.22
N LYS A 13 -3.66 18.17 14.07
CA LYS A 13 -2.75 17.08 14.29
C LYS A 13 -3.15 16.35 15.58
N TYR A 14 -3.13 15.03 15.50
CA TYR A 14 -3.56 14.16 16.59
C TYR A 14 -2.35 13.38 17.07
N PRO A 15 -1.83 13.62 18.27
CA PRO A 15 -0.68 12.85 18.74
C PRO A 15 -1.12 11.52 19.16
N LEU A 16 -0.62 10.47 18.58
CA LEU A 16 -0.97 9.05 18.95
C LEU A 16 0.21 8.35 19.50
N ARG A 17 -0.13 7.48 20.50
CA ARG A 17 0.92 6.72 21.26
C ARG A 17 1.28 5.45 20.57
N LEU A 18 2.61 5.20 20.39
CA LEU A 18 3.10 3.94 19.89
C LEU A 18 2.87 2.82 20.94
N ILE A 19 2.23 1.76 20.56
CA ILE A 19 1.94 0.65 21.49
C ILE A 19 2.66 -0.65 21.11
N ASP A 20 3.10 -0.84 19.89
CA ASP A 20 3.77 -2.10 19.54
C ASP A 20 4.53 -1.90 18.25
N LYS A 21 5.63 -2.58 18.11
CA LYS A 21 6.39 -2.59 16.84
C LYS A 21 6.71 -4.08 16.57
N GLU A 22 6.36 -4.49 15.36
CA GLU A 22 6.53 -5.89 14.90
C GLU A 22 7.48 -5.90 13.72
N VAL A 23 8.40 -6.73 13.68
N VAL A 23 8.79 -6.37 13.95
CA VAL A 23 9.24 -6.90 12.46
CA VAL A 23 9.88 -6.44 12.95
C VAL A 23 8.43 -7.42 11.29
C VAL A 23 9.41 -7.37 11.84
N VAL A 24 8.59 -6.77 10.15
N VAL A 24 9.18 -6.82 10.64
CA VAL A 24 8.15 -7.31 8.84
CA VAL A 24 8.69 -7.60 9.51
C VAL A 24 9.31 -8.01 8.16
C VAL A 24 9.74 -8.32 8.68
N ASN A 25 10.52 -7.41 8.16
CA ASN A 25 11.75 -8.03 7.63
C ASN A 25 12.94 -7.22 8.17
N HIS A 26 14.12 -7.41 7.57
CA HIS A 26 15.34 -6.79 8.06
C HIS A 26 15.22 -5.25 8.19
N ASP A 27 14.54 -4.56 7.30
CA ASP A 27 14.45 -3.12 7.35
C ASP A 27 13.05 -2.56 7.56
N THR A 28 12.01 -3.40 7.66
CA THR A 28 10.66 -2.94 7.65
C THR A 28 9.95 -3.38 8.93
N ARG A 29 9.08 -2.56 9.45
CA ARG A 29 8.33 -2.87 10.70
C ARG A 29 6.88 -2.46 10.52
N ARG A 30 6.03 -2.94 11.37
N ARG A 30 6.09 -2.94 11.48
CA ARG A 30 4.64 -2.58 11.57
CA ARG A 30 4.66 -2.68 11.59
C ARG A 30 4.61 -1.83 12.89
C ARG A 30 4.49 -1.94 12.91
N PHE A 31 4.19 -0.67 12.78
CA PHE A 31 4.05 0.18 13.90
C PHE A 31 2.58 0.32 14.23
N ARG A 32 2.20 -0.05 15.46
CA ARG A 32 0.83 0.05 15.92
C ARG A 32 0.69 1.18 16.94
N PHE A 33 -0.23 2.09 16.66
CA PHE A 33 -0.47 3.22 17.52
C PHE A 33 -1.92 3.15 18.09
N ALA A 34 -2.06 3.55 19.30
CA ALA A 34 -3.38 3.65 19.96
C ALA A 34 -4.09 4.87 19.44
N LEU A 35 -5.38 4.72 19.14
CA LEU A 35 -6.26 5.81 18.86
C LEU A 35 -6.62 6.49 20.23
N PRO A 36 -7.37 7.62 20.17
CA PRO A 36 -7.60 8.33 21.45
C PRO A 36 -8.34 7.64 22.49
N SER A 37 -9.14 6.59 22.15
CA SER A 37 -9.69 5.67 23.05
C SER A 37 -9.77 4.34 22.37
N PRO A 38 -9.93 3.26 23.13
CA PRO A 38 -10.12 1.94 22.46
C PRO A 38 -11.32 1.78 21.68
N GLN A 39 -12.22 2.71 21.71
N GLN A 39 -12.46 2.69 21.77
CA GLN A 39 -13.47 2.62 20.96
CA GLN A 39 -13.72 2.74 21.04
C GLN A 39 -13.46 3.43 19.68
C GLN A 39 -13.59 3.61 19.79
N HIS A 40 -12.47 4.30 19.53
CA HIS A 40 -12.34 5.09 18.31
C HIS A 40 -12.02 4.22 17.12
N ILE A 41 -12.34 4.81 15.96
CA ILE A 41 -11.80 4.31 14.66
C ILE A 41 -10.96 5.48 14.09
N LEU A 42 -10.15 5.16 13.08
CA LEU A 42 -9.25 6.20 12.55
C LEU A 42 -10.02 7.25 11.81
N GLY A 43 -10.94 6.83 10.93
CA GLY A 43 -11.62 7.73 10.04
C GLY A 43 -10.91 7.88 8.71
N LEU A 44 -10.44 6.77 8.12
CA LEU A 44 -9.66 6.89 6.88
C LEU A 44 -10.35 6.06 5.81
N PRO A 45 -10.96 6.69 4.77
CA PRO A 45 -11.53 5.94 3.59
C PRO A 45 -10.53 5.09 2.96
N VAL A 46 -10.99 3.96 2.42
CA VAL A 46 -10.12 3.00 1.77
C VAL A 46 -9.45 3.65 0.56
N GLY A 47 -8.12 3.55 0.53
CA GLY A 47 -7.30 4.15 -0.51
C GLY A 47 -6.53 5.34 -0.06
N GLN A 48 -6.92 5.97 1.04
CA GLN A 48 -6.31 7.21 1.52
C GLN A 48 -5.17 6.92 2.48
N HIS A 49 -4.39 7.98 2.77
CA HIS A 49 -3.24 7.92 3.61
C HIS A 49 -3.31 9.05 4.66
N ILE A 50 -2.32 9.02 5.57
CA ILE A 50 -2.14 10.04 6.60
C ILE A 50 -0.77 10.63 6.42
N TYR A 51 -0.52 11.72 7.21
CA TYR A 51 0.80 12.29 7.36
C TYR A 51 1.24 12.24 8.80
N LEU A 52 2.51 11.92 9.01
CA LEU A 52 3.17 12.04 10.28
C LEU A 52 4.07 13.26 10.26
N SER A 53 4.19 13.90 11.44
CA SER A 53 5.04 15.09 11.55
C SER A 53 5.71 15.09 12.86
N ALA A 54 7.00 15.61 12.83
CA ALA A 54 7.80 15.69 14.08
C ALA A 54 8.87 16.72 13.78
N ARG A 55 9.42 17.14 15.04
N ARG A 55 9.37 17.50 14.71
CA ARG A 55 10.67 17.91 14.99
CA ARG A 55 10.60 18.30 14.62
C ARG A 55 11.84 16.93 15.04
C ARG A 55 11.75 17.33 14.88
N ILE A 56 12.67 17.05 13.86
CA ILE A 56 13.75 16.19 13.83
C ILE A 56 14.94 17.06 13.66
N ASP A 57 15.86 16.98 14.62
CA ASP A 57 17.11 17.75 14.58
C ASP A 57 16.90 19.25 14.41
N GLY A 58 15.77 19.76 14.89
CA GLY A 58 15.48 21.17 14.81
C GLY A 58 14.67 21.66 13.63
N ASN A 59 14.28 20.75 12.74
CA ASN A 59 13.50 21.14 11.58
C ASN A 59 12.20 20.29 11.54
N LEU A 60 11.01 20.90 11.34
N LEU A 60 11.30 20.98 10.77
CA LEU A 60 9.77 20.15 11.14
CA LEU A 60 10.01 20.34 10.51
C LEU A 60 9.93 19.24 9.93
C LEU A 60 10.15 19.23 9.47
N VAL A 61 9.62 17.99 9.96
CA VAL A 61 9.64 16.94 8.93
C VAL A 61 8.25 16.34 8.87
N ILE A 62 7.68 16.27 7.67
CA ILE A 62 6.35 15.73 7.41
C ILE A 62 6.48 14.62 6.37
N ARG A 63 5.88 13.47 6.60
CA ARG A 63 5.92 12.38 5.59
C ARG A 63 4.57 11.66 5.61
N PRO A 64 4.10 11.25 4.41
CA PRO A 64 2.90 10.41 4.34
C PRO A 64 3.23 8.95 4.59
N TYR A 65 2.25 8.26 5.22
CA TYR A 65 2.26 6.82 5.38
C TYR A 65 0.86 6.31 5.19
N THR A 66 0.75 5.06 4.72
CA THR A 66 -0.54 4.52 4.29
C THR A 66 -0.97 3.38 5.23
N PRO A 67 -1.94 3.62 6.11
CA PRO A 67 -2.29 2.56 7.03
C PRO A 67 -2.70 1.27 6.30
N VAL A 68 -2.44 0.18 6.96
CA VAL A 68 -2.95 -1.08 6.41
C VAL A 68 -4.16 -1.57 7.19
N SER A 69 -4.48 -0.95 8.34
CA SER A 69 -5.72 -1.20 9.09
C SER A 69 -6.83 -0.51 8.44
N SER A 70 -8.03 -0.61 9.06
CA SER A 70 -9.23 -0.04 8.48
C SER A 70 -10.11 0.53 9.53
N ASP A 71 -11.19 1.10 9.13
CA ASP A 71 -12.14 1.66 10.07
C ASP A 71 -12.99 0.58 10.78
N ASP A 72 -12.77 -0.68 10.46
CA ASP A 72 -13.40 -1.71 11.26
C ASP A 72 -12.57 -1.93 12.56
N ASP A 73 -11.30 -1.47 12.58
CA ASP A 73 -10.44 -1.75 13.67
C ASP A 73 -10.68 -0.69 14.78
N LYS A 74 -11.11 -1.16 15.92
CA LYS A 74 -11.38 -0.26 17.04
C LYS A 74 -10.10 -0.11 17.88
N GLY A 75 -9.70 1.15 18.07
CA GLY A 75 -8.73 1.49 19.04
C GLY A 75 -7.27 1.58 18.53
N PHE A 76 -6.97 1.24 17.29
CA PHE A 76 -5.57 1.24 16.84
C PHE A 76 -5.52 1.59 15.33
N VAL A 77 -4.31 1.97 14.94
CA VAL A 77 -3.91 2.10 13.54
C VAL A 77 -2.57 1.42 13.35
N ASP A 78 -2.44 0.68 12.21
CA ASP A 78 -1.21 0.01 11.85
C ASP A 78 -0.61 0.72 10.60
N LEU A 79 0.68 1.01 10.72
CA LEU A 79 1.52 1.50 9.61
C LEU A 79 2.59 0.46 9.33
N VAL A 80 2.95 0.28 8.05
CA VAL A 80 4.06 -0.58 7.69
C VAL A 80 5.08 0.32 6.99
N ILE A 81 6.23 0.44 7.63
CA ILE A 81 7.23 1.48 7.31
C ILE A 81 8.59 0.82 7.20
N LYS A 82 9.23 1.11 6.05
CA LYS A 82 10.62 0.73 5.81
C LYS A 82 11.55 1.78 6.42
N VAL A 83 12.51 1.32 7.18
CA VAL A 83 13.50 2.19 7.83
C VAL A 83 14.71 2.26 6.90
N TYR A 84 15.09 3.49 6.57
CA TYR A 84 16.29 3.74 5.76
C TYR A 84 17.42 4.09 6.73
N PHE A 85 18.26 3.11 7.07
CA PHE A 85 19.25 3.30 8.09
C PHE A 85 20.45 4.08 7.55
N LYS A 86 20.99 4.91 8.45
CA LYS A 86 22.30 5.55 8.27
C LYS A 86 23.40 4.51 8.24
N ASP A 87 24.58 4.95 7.82
CA ASP A 87 25.85 4.16 7.98
C ASP A 87 25.76 2.79 7.28
N THR A 88 25.04 2.77 6.17
CA THR A 88 24.74 1.51 5.44
C THR A 88 25.01 1.60 4.04
N HIS A 89 24.31 2.50 3.32
CA HIS A 89 24.33 2.62 1.83
C HIS A 89 25.30 3.63 1.48
N PRO A 90 26.16 3.35 0.49
CA PRO A 90 27.18 4.35 0.14
C PRO A 90 26.71 5.72 -0.38
N LYS A 91 25.49 5.78 -0.90
CA LYS A 91 24.93 7.00 -1.48
C LYS A 91 24.11 7.78 -0.50
N PHE A 92 23.78 7.16 0.63
CA PHE A 92 22.85 7.77 1.59
C PHE A 92 23.41 7.64 3.02
N PRO A 93 24.59 8.20 3.28
CA PRO A 93 25.20 8.06 4.62
C PRO A 93 24.29 8.39 5.83
N ALA A 94 23.45 9.41 5.70
CA ALA A 94 22.63 9.83 6.77
C ALA A 94 21.33 9.00 6.97
N GLY A 95 21.02 8.16 6.01
CA GLY A 95 19.77 7.43 6.01
C GLY A 95 18.58 8.37 5.89
N GLY A 96 17.41 7.91 6.27
CA GLY A 96 16.17 8.67 6.13
C GLY A 96 15.75 9.29 7.43
N LYS A 97 15.25 10.53 7.36
CA LYS A 97 14.94 11.30 8.55
C LYS A 97 13.79 10.74 9.36
N MET A 98 12.60 10.68 8.78
CA MET A 98 11.43 10.27 9.52
C MET A 98 11.45 8.79 9.86
N SER A 99 11.91 7.96 8.92
CA SER A 99 11.85 6.53 9.16
C SER A 99 12.75 6.13 10.33
N GLN A 100 13.93 6.78 10.46
CA GLN A 100 14.79 6.50 11.60
C GLN A 100 14.23 7.09 12.86
N TYR A 101 13.55 8.26 12.82
CA TYR A 101 12.88 8.79 13.99
C TYR A 101 11.86 7.80 14.51
N LEU A 102 11.10 7.24 13.61
N LEU A 102 10.99 7.22 13.52
CA LEU A 102 10.12 6.22 14.03
CA LEU A 102 10.05 6.17 13.91
C LEU A 102 10.78 5.00 14.60
C LEU A 102 10.75 5.01 14.60
N GLU A 103 11.85 4.48 13.99
CA GLU A 103 12.55 3.36 14.50
C GLU A 103 13.07 3.60 15.91
N SER A 104 13.43 4.83 16.22
CA SER A 104 13.96 5.19 17.53
C SER A 104 12.88 5.43 18.58
N MET A 105 11.61 5.53 18.21
CA MET A 105 10.58 5.79 19.21
C MET A 105 10.48 4.57 20.17
N LYS A 106 10.24 4.98 21.44
CA LYS A 106 9.94 3.96 22.45
C LYS A 106 8.45 3.79 22.55
N ILE A 107 8.06 2.63 23.25
N ILE A 107 8.06 2.57 22.99
CA ILE A 107 6.63 2.42 23.35
CA ILE A 107 6.64 2.39 23.24
C ILE A 107 6.16 3.50 24.32
C ILE A 107 6.17 3.39 24.27
N GLY A 108 5.07 4.07 24.03
CA GLY A 108 4.53 5.22 24.84
C GLY A 108 4.86 6.54 24.29
N ASP A 109 5.87 6.70 23.39
CA ASP A 109 6.11 7.95 22.71
C ASP A 109 4.98 8.26 21.76
N THR A 110 4.76 9.50 21.48
CA THR A 110 3.69 9.97 20.56
C THR A 110 4.29 10.57 19.31
N ILE A 111 3.47 10.56 18.26
CA ILE A 111 3.77 11.30 17.03
C ILE A 111 2.46 11.82 16.49
N GLU A 112 2.52 12.97 15.85
CA GLU A 112 1.36 13.62 15.28
C GLU A 112 0.92 12.97 13.95
N PHE A 113 -0.37 12.65 13.91
CA PHE A 113 -1.06 12.18 12.69
C PHE A 113 -2.01 13.27 12.20
N ARG A 114 -2.20 13.31 10.85
CA ARG A 114 -3.19 14.13 10.22
C ARG A 114 -3.68 13.44 8.97
N GLY A 115 -4.92 13.75 8.59
CA GLY A 115 -5.47 13.21 7.35
C GLY A 115 -6.94 13.31 7.37
N PRO A 116 -7.64 12.60 6.47
CA PRO A 116 -7.12 11.74 5.40
C PRO A 116 -6.73 12.48 4.18
N ASN A 117 -5.93 11.88 3.32
CA ASN A 117 -5.53 12.47 2.06
C ASN A 117 -5.40 11.41 0.97
N GLY A 118 -5.49 11.87 -0.26
CA GLY A 118 -5.32 11.02 -1.41
C GLY A 118 -6.46 11.19 -2.40
N LEU A 119 -6.18 11.02 -3.69
CA LEU A 119 -7.14 11.26 -4.78
C LEU A 119 -8.09 10.08 -5.04
N LEU A 120 -7.83 8.90 -4.47
CA LEU A 120 -8.65 7.70 -4.70
C LEU A 120 -9.31 7.25 -3.42
N VAL A 121 -10.60 6.92 -3.54
CA VAL A 121 -11.36 6.25 -2.51
C VAL A 121 -12.06 5.05 -3.10
N TYR A 122 -11.89 3.87 -2.50
CA TYR A 122 -12.65 2.67 -2.91
C TYR A 122 -13.98 2.69 -2.14
N GLN A 123 -15.08 2.68 -2.87
CA GLN A 123 -16.40 2.77 -2.34
C GLN A 123 -17.08 1.41 -2.21
N GLY A 124 -16.46 0.35 -2.65
CA GLY A 124 -16.98 -1.02 -2.51
C GLY A 124 -17.56 -1.51 -3.79
N LYS A 125 -17.69 -2.77 -3.93
CA LYS A 125 -18.34 -3.48 -5.03
C LYS A 125 -17.90 -2.90 -6.36
N GLY A 126 -16.55 -2.72 -6.49
CA GLY A 126 -15.93 -2.32 -7.76
C GLY A 126 -15.95 -0.89 -8.06
N LYS A 127 -16.41 -0.14 -6.97
N LYS A 127 -16.53 -0.03 -7.21
CA LYS A 127 -16.67 1.27 -7.26
CA LYS A 127 -16.60 1.40 -7.48
C LYS A 127 -15.53 2.15 -6.75
C LYS A 127 -15.42 2.11 -6.83
N PHE A 128 -14.74 2.91 -7.66
CA PHE A 128 -13.64 3.77 -7.23
C PHE A 128 -14.01 5.24 -7.56
N ALA A 129 -13.86 6.07 -6.55
CA ALA A 129 -14.05 7.54 -6.67
C ALA A 129 -12.66 8.12 -6.83
N ILE A 130 -12.34 8.68 -7.99
CA ILE A 130 -11.00 9.20 -8.24
C ILE A 130 -11.09 10.60 -8.68
N ARG A 131 -10.39 11.50 -7.99
CA ARG A 131 -10.28 12.89 -8.39
C ARG A 131 -9.16 13.03 -9.38
N PRO A 132 -9.30 13.79 -10.47
CA PRO A 132 -8.15 13.99 -11.36
C PRO A 132 -7.02 14.79 -10.74
N ASP A 133 -7.40 15.70 -9.69
CA ASP A 133 -6.40 16.48 -8.98
C ASP A 133 -7.10 16.96 -7.69
N LYS A 134 -6.31 17.56 -6.82
CA LYS A 134 -6.91 17.80 -5.51
C LYS A 134 -8.04 18.82 -5.60
N LYS A 135 -7.98 19.69 -6.60
CA LYS A 135 -9.00 20.72 -6.76
C LYS A 135 -10.24 20.29 -7.54
N SER A 136 -10.30 19.04 -7.99
CA SER A 136 -11.47 18.62 -8.73
C SER A 136 -12.27 17.58 -7.96
N SER A 137 -13.52 17.50 -8.32
CA SER A 137 -14.42 16.53 -7.67
C SER A 137 -14.07 15.09 -8.09
N PRO A 138 -14.35 14.12 -7.33
CA PRO A 138 -14.17 12.76 -7.87
C PRO A 138 -15.10 12.46 -8.96
N VAL A 139 -14.71 11.42 -9.74
CA VAL A 139 -15.50 10.71 -10.71
C VAL A 139 -15.52 9.25 -10.31
N ILE A 140 -16.69 8.66 -10.40
N ILE A 140 -16.67 8.57 -10.46
CA ILE A 140 -16.85 7.27 -9.99
CA ILE A 140 -16.68 7.12 -10.22
C ILE A 140 -16.87 6.37 -11.23
C ILE A 140 -16.29 6.33 -11.45
N LYS A 141 -16.21 5.22 -11.10
N LYS A 141 -15.41 5.38 -11.15
CA LYS A 141 -16.14 4.23 -12.17
CA LYS A 141 -14.93 4.39 -12.11
C LYS A 141 -16.11 2.81 -11.59
C LYS A 141 -15.49 3.06 -11.59
N THR A 142 -17.09 1.98 -11.97
N THR A 142 -16.24 2.33 -12.41
CA THR A 142 -17.14 0.60 -11.48
CA THR A 142 -16.87 1.08 -11.95
C THR A 142 -16.46 -0.39 -12.40
C THR A 142 -16.24 -0.07 -12.73
N VAL A 143 -15.60 -1.12 -11.95
CA VAL A 143 -14.85 -2.14 -12.67
C VAL A 143 -15.12 -3.50 -12.09
N LYS A 144 -14.81 -4.53 -12.89
CA LYS A 144 -14.94 -5.91 -12.48
C LYS A 144 -13.63 -6.48 -11.95
N SER A 145 -12.51 -5.82 -12.29
N SER A 145 -12.56 -5.93 -12.23
CA SER A 145 -11.21 -6.37 -11.88
CA SER A 145 -11.21 -6.44 -11.99
C SER A 145 -10.23 -5.16 -11.80
C SER A 145 -10.26 -5.25 -11.77
N VAL A 146 -9.22 -5.40 -11.00
CA VAL A 146 -8.24 -4.38 -10.67
C VAL A 146 -6.86 -5.02 -10.81
N GLY A 147 -6.02 -4.42 -11.64
CA GLY A 147 -4.60 -4.76 -11.66
C GLY A 147 -3.87 -3.92 -10.64
N MET A 148 -2.87 -4.48 -9.99
CA MET A 148 -2.09 -3.76 -8.97
C MET A 148 -0.63 -4.06 -9.20
N ILE A 149 0.16 -2.99 -9.39
CA ILE A 149 1.60 -3.13 -9.54
C ILE A 149 2.22 -2.38 -8.37
N ALA A 150 2.91 -3.11 -7.50
CA ALA A 150 3.51 -2.51 -6.28
C ALA A 150 4.99 -2.80 -6.26
N GLY A 151 5.78 -1.82 -5.83
CA GLY A 151 7.19 -2.02 -5.56
C GLY A 151 7.50 -1.65 -4.13
N GLY A 152 8.13 -2.57 -3.39
CA GLY A 152 8.51 -2.30 -2.03
C GLY A 152 7.33 -1.86 -1.17
N THR A 153 7.52 -0.77 -0.40
CA THR A 153 6.47 -0.30 0.45
C THR A 153 5.26 0.23 -0.29
N GLY A 154 5.32 0.33 -1.64
CA GLY A 154 4.14 0.59 -2.43
C GLY A 154 3.04 -0.47 -2.28
N ILE A 155 3.34 -1.60 -1.63
CA ILE A 155 2.30 -2.54 -1.24
C ILE A 155 1.24 -1.94 -0.36
N THR A 156 1.54 -0.90 0.45
CA THR A 156 0.57 -0.53 1.49
C THR A 156 -0.77 -0.06 0.99
N PRO A 157 -0.88 0.85 -0.02
CA PRO A 157 -2.23 1.18 -0.49
C PRO A 157 -2.89 -0.04 -1.14
N MET A 158 -2.12 -0.88 -1.81
CA MET A 158 -2.72 -2.07 -2.45
C MET A 158 -3.35 -2.97 -1.38
N LEU A 159 -2.65 -3.18 -0.29
CA LEU A 159 -3.18 -4.07 0.77
C LEU A 159 -4.42 -3.49 1.38
N GLN A 160 -4.53 -2.17 1.36
N GLN A 160 -4.58 -2.09 1.52
CA GLN A 160 -5.73 -1.52 1.92
CA GLN A 160 -5.90 -1.57 1.96
C GLN A 160 -6.97 -1.87 1.11
C GLN A 160 -7.05 -2.11 1.14
N VAL A 161 -6.79 -1.84 -0.22
CA VAL A 161 -7.85 -2.15 -1.19
C VAL A 161 -8.13 -3.64 -1.17
N ILE A 162 -7.08 -4.45 -1.21
CA ILE A 162 -7.27 -5.91 -1.24
C ILE A 162 -8.07 -6.33 0.02
N ARG A 163 -7.68 -5.86 1.18
CA ARG A 163 -8.36 -6.26 2.42
C ARG A 163 -9.80 -5.82 2.39
N ALA A 164 -10.08 -4.67 1.90
CA ALA A 164 -11.47 -4.14 1.84
C ALA A 164 -12.33 -5.00 0.96
N ILE A 165 -11.82 -5.43 -0.19
CA ILE A 165 -12.55 -6.29 -1.09
C ILE A 165 -12.77 -7.63 -0.47
N MET A 166 -11.73 -8.26 0.05
CA MET A 166 -11.87 -9.62 0.44
C MET A 166 -12.74 -9.86 1.60
N LYS A 167 -12.89 -8.88 2.51
CA LYS A 167 -13.73 -9.02 3.68
C LYS A 167 -15.23 -8.93 3.30
N ASP A 168 -15.59 -8.46 2.17
CA ASP A 168 -16.99 -8.37 1.75
C ASP A 168 -17.32 -9.52 0.81
N PRO A 169 -18.08 -10.52 1.24
CA PRO A 169 -18.25 -11.71 0.42
C PRO A 169 -19.12 -11.39 -0.81
N ASP A 170 -19.80 -10.26 -0.84
CA ASP A 170 -20.61 -9.82 -1.97
C ASP A 170 -19.87 -8.84 -2.85
N ASP A 171 -18.53 -8.65 -2.64
CA ASP A 171 -17.69 -7.89 -3.50
C ASP A 171 -17.02 -8.84 -4.47
N HIS A 172 -17.45 -8.82 -5.69
CA HIS A 172 -16.91 -9.83 -6.61
C HIS A 172 -15.71 -9.35 -7.43
N THR A 173 -15.16 -8.17 -7.10
CA THR A 173 -14.01 -7.62 -7.78
C THR A 173 -12.82 -8.61 -7.63
N VAL A 174 -12.17 -8.81 -8.76
CA VAL A 174 -10.94 -9.70 -8.78
C VAL A 174 -9.71 -8.81 -8.82
N CYS A 175 -8.77 -8.94 -7.88
CA CYS A 175 -7.53 -8.18 -7.80
C CYS A 175 -6.39 -9.06 -8.26
N HIS A 176 -5.57 -8.54 -9.13
CA HIS A 176 -4.37 -9.18 -9.65
C HIS A 176 -3.18 -8.36 -9.26
N LEU A 177 -2.37 -8.89 -8.35
CA LEU A 177 -1.22 -8.20 -7.81
C LEU A 177 0.06 -8.72 -8.42
N LEU A 178 0.90 -7.78 -8.88
CA LEU A 178 2.27 -8.00 -9.34
C LEU A 178 3.14 -7.18 -8.39
N PHE A 179 3.92 -7.89 -7.56
CA PHE A 179 4.64 -7.24 -6.47
C PHE A 179 6.13 -7.41 -6.67
N ALA A 180 6.85 -6.31 -6.80
CA ALA A 180 8.27 -6.26 -7.09
C ALA A 180 9.08 -5.81 -5.89
N ASN A 181 10.20 -6.52 -5.62
CA ASN A 181 11.10 -6.17 -4.54
C ASN A 181 12.54 -6.51 -4.99
N GLN A 182 13.54 -6.05 -4.22
CA GLN A 182 14.89 -6.20 -4.70
C GLN A 182 15.40 -7.66 -4.63
N THR A 183 14.98 -8.37 -3.61
CA THR A 183 15.39 -9.80 -3.34
C THR A 183 14.23 -10.47 -2.67
N GLU A 184 14.31 -11.80 -2.55
CA GLU A 184 13.30 -12.56 -1.88
C GLU A 184 13.14 -12.10 -0.42
N LYS A 185 14.26 -11.83 0.29
CA LYS A 185 14.09 -11.43 1.70
C LYS A 185 13.47 -10.02 1.81
N ASP A 186 13.40 -9.27 0.76
CA ASP A 186 12.83 -7.93 0.75
C ASP A 186 11.33 -8.01 0.55
N ILE A 187 10.86 -9.15 0.17
CA ILE A 187 9.41 -9.18 0.05
C ILE A 187 8.73 -8.82 1.37
N LEU A 188 7.74 -7.93 1.35
CA LEU A 188 7.06 -7.46 2.53
C LEU A 188 5.70 -8.14 2.66
N LEU A 189 5.37 -8.56 3.87
CA LEU A 189 4.02 -9.03 4.18
C LEU A 189 3.70 -10.32 3.38
N ARG A 190 4.74 -11.15 3.12
CA ARG A 190 4.48 -12.31 2.37
C ARG A 190 3.54 -13.27 2.95
N PRO A 191 3.66 -13.56 4.27
N PRO A 191 3.72 -13.58 4.24
CA PRO A 191 2.68 -14.53 4.78
CA PRO A 191 2.85 -14.55 4.93
C PRO A 191 1.27 -13.88 4.77
C PRO A 191 1.35 -14.33 4.66
N GLU A 192 1.09 -12.61 5.10
N GLU A 192 0.95 -13.07 4.61
CA GLU A 192 -0.24 -12.02 5.07
CA GLU A 192 -0.45 -12.73 4.37
C GLU A 192 -0.80 -12.15 3.66
C GLU A 192 -0.79 -12.84 2.89
N LEU A 193 0.00 -11.75 2.69
N LEU A 193 0.13 -12.41 2.03
CA LEU A 193 -0.32 -11.82 1.26
CA LEU A 193 -0.11 -12.47 0.59
C LEU A 193 -0.72 -13.23 0.82
C LEU A 193 -0.41 -13.88 0.12
N GLU A 194 0.07 -14.21 1.27
N GLU A 194 0.33 -14.84 0.67
CA GLU A 194 -0.17 -15.61 0.95
CA GLU A 194 0.18 -16.25 0.36
C GLU A 194 -1.46 -16.11 1.59
C GLU A 194 -1.14 -16.75 0.89
N GLU A 195 -1.74 -15.68 2.81
N GLU A 195 -1.45 -16.43 2.14
CA GLU A 195 -2.98 -16.14 3.47
CA GLU A 195 -2.73 -16.90 2.70
C GLU A 195 -4.18 -15.58 2.62
C GLU A 195 -3.94 -16.47 1.85
N LEU A 196 -4.13 -14.36 2.11
N LEU A 196 -3.81 -15.28 1.26
CA LEU A 196 -5.19 -13.85 1.28
CA LEU A 196 -4.83 -14.73 0.39
C LEU A 196 -5.35 -14.75 0.04
C LEU A 196 -4.94 -15.71 -0.77
N ARG A 197 -4.21 -15.20 -0.50
N ARG A 197 -3.82 -15.93 -1.45
CA ARG A 197 -4.22 -16.08 -1.65
CA ARG A 197 -3.78 -16.85 -2.57
C ARG A 197 -4.90 -17.39 -1.26
C ARG A 197 -4.39 -18.19 -2.17
N ASN A 198 -4.54 -17.92 -0.09
N ASN A 198 -4.16 -18.60 -0.93
CA ASN A 198 -5.14 -19.14 0.40
CA ASN A 198 -4.70 -19.87 -0.44
C ASN A 198 -6.67 -19.05 0.48
C ASN A 198 -6.18 -19.86 -0.03
N GLU A 199 -7.13 -17.99 1.05
N GLU A 199 -6.74 -18.69 0.25
CA GLU A 199 -8.49 -17.94 1.36
CA GLU A 199 -8.15 -18.62 0.66
C GLU A 199 -9.35 -17.34 0.24
C GLU A 199 -9.10 -17.96 -0.35
N HIS A 200 -8.72 -16.79 -0.84
CA HIS A 200 -9.52 -16.00 -1.76
C HIS A 200 -8.98 -16.16 -3.20
N SER A 201 -8.56 -17.37 -3.54
N SER A 201 -8.67 -17.33 -3.54
CA SER A 201 -8.00 -17.66 -4.87
CA SER A 201 -7.99 -17.55 -4.81
C SER A 201 -8.80 -17.09 -6.05
C SER A 201 -8.77 -17.13 -6.06
N ALA A 202 -10.12 -17.22 -6.00
CA ALA A 202 -10.97 -16.75 -7.09
C ALA A 202 -10.99 -15.26 -7.25
N ARG A 203 -10.68 -14.50 -6.22
CA ARG A 203 -10.67 -13.06 -6.22
C ARG A 203 -9.30 -12.44 -6.14
N PHE A 204 -8.26 -13.22 -6.01
CA PHE A 204 -6.94 -12.66 -5.73
C PHE A 204 -5.90 -13.49 -6.45
N LYS A 205 -5.23 -12.87 -7.38
CA LYS A 205 -4.14 -13.45 -8.17
C LYS A 205 -2.84 -12.78 -7.70
N LEU A 206 -1.85 -13.59 -7.43
CA LEU A 206 -0.58 -13.10 -6.82
C LEU A 206 0.58 -13.48 -7.60
N TRP A 207 1.49 -12.54 -7.93
CA TRP A 207 2.74 -12.84 -8.60
C TRP A 207 3.81 -11.92 -8.07
N TYR A 208 5.04 -12.41 -8.01
CA TYR A 208 6.21 -11.67 -7.59
C TYR A 208 7.21 -11.49 -8.70
N THR A 209 7.96 -10.39 -8.65
CA THR A 209 9.27 -10.33 -9.31
C THR A 209 10.28 -9.82 -8.33
N VAL A 210 11.52 -10.24 -8.47
CA VAL A 210 12.62 -9.74 -7.66
C VAL A 210 13.76 -9.30 -8.56
N ASP A 211 14.49 -8.28 -8.17
CA ASP A 211 15.54 -7.80 -9.01
C ASP A 211 16.60 -8.91 -9.21
N ARG A 212 16.93 -9.56 -8.10
N ARG A 212 16.84 -9.68 -8.16
CA ARG A 212 17.87 -10.67 -8.06
CA ARG A 212 17.82 -10.76 -8.22
C ARG A 212 17.16 -11.84 -7.39
C ARG A 212 17.23 -12.05 -7.66
N ALA A 213 17.10 -12.96 -8.08
N ALA A 213 16.64 -12.85 -8.54
CA ALA A 213 16.41 -14.12 -7.60
CA ALA A 213 16.04 -14.12 -8.15
C ALA A 213 17.42 -15.13 -7.13
C ALA A 213 17.09 -15.12 -7.68
N PRO A 214 16.87 -15.88 -6.15
N PRO A 214 16.71 -16.00 -6.75
CA PRO A 214 17.59 -17.05 -5.60
CA PRO A 214 17.61 -17.03 -6.20
C PRO A 214 17.52 -18.30 -6.63
C PRO A 214 17.64 -18.28 -7.06
N GLU A 215 18.36 -19.30 -6.46
N GLU A 215 18.30 -19.32 -6.58
CA GLU A 215 18.35 -20.46 -7.38
CA GLU A 215 18.40 -20.58 -7.31
C GLU A 215 17.01 -21.19 -7.47
C GLU A 215 17.03 -21.25 -7.42
N ALA A 216 16.41 -21.26 -6.26
N ALA A 216 16.34 -21.37 -6.29
CA ALA A 216 15.08 -21.80 -5.99
CA ALA A 216 15.02 -21.97 -6.26
C ALA A 216 14.04 -20.65 -6.17
C ALA A 216 13.94 -20.91 -6.24
N TRP A 217 13.59 -20.41 -7.42
CA TRP A 217 12.59 -19.39 -7.56
C TRP A 217 11.57 -19.73 -8.62
N ASP A 218 10.30 -19.62 -8.30
CA ASP A 218 9.26 -19.95 -9.27
C ASP A 218 8.50 -18.79 -9.85
N TYR A 219 8.94 -17.57 -9.51
CA TYR A 219 8.29 -16.40 -9.99
C TYR A 219 9.15 -15.66 -10.99
N SER A 220 8.97 -14.35 -11.21
CA SER A 220 9.74 -13.61 -12.19
C SER A 220 10.93 -12.99 -11.58
N GLN A 221 11.73 -12.55 -12.59
N GLN A 221 11.78 -12.50 -12.48
CA GLN A 221 12.95 -11.92 -12.12
CA GLN A 221 13.02 -11.85 -12.12
C GLN A 221 13.15 -10.62 -12.90
C GLN A 221 13.24 -10.61 -13.00
N GLY A 222 13.70 -9.55 -12.37
CA GLY A 222 13.96 -8.26 -13.09
C GLY A 222 12.90 -7.23 -12.77
N PHE A 223 13.05 -6.05 -13.35
CA PHE A 223 12.09 -5.03 -13.24
C PHE A 223 10.78 -5.43 -13.88
N VAL A 224 9.66 -4.85 -13.43
CA VAL A 224 8.38 -5.07 -14.09
C VAL A 224 8.49 -4.76 -15.55
N ASN A 225 7.94 -5.62 -16.40
CA ASN A 225 8.07 -5.52 -17.81
C ASN A 225 6.74 -5.86 -18.51
N GLU A 226 6.77 -5.75 -19.87
CA GLU A 226 5.58 -6.00 -20.66
C GLU A 226 5.02 -7.32 -20.46
N GLU A 227 5.88 -8.38 -20.47
CA GLU A 227 5.41 -9.75 -20.34
C GLU A 227 4.69 -9.95 -19.01
N MET A 228 5.28 -9.41 -17.94
CA MET A 228 4.68 -9.62 -16.63
C MET A 228 3.31 -9.00 -16.53
N ILE A 229 3.17 -7.79 -17.11
CA ILE A 229 1.90 -7.09 -17.13
C ILE A 229 0.86 -7.88 -17.94
N ARG A 230 1.17 -8.41 -19.13
N ARG A 230 1.28 -8.41 -19.09
CA ARG A 230 0.24 -9.33 -19.81
CA ARG A 230 0.37 -9.17 -19.94
C ARG A 230 -0.13 -10.57 -19.04
C ARG A 230 -0.02 -10.53 -19.36
N ASP A 231 0.84 -11.07 -18.51
CA ASP A 231 0.56 -12.36 -17.94
C ASP A 231 -0.08 -12.35 -16.56
N HIS A 232 0.06 -11.23 -15.84
CA HIS A 232 -0.31 -11.24 -14.39
C HIS A 232 -1.25 -10.09 -14.00
N LEU A 233 -1.72 -9.34 -14.94
CA LEU A 233 -2.77 -8.32 -14.75
C LEU A 233 -3.91 -8.65 -15.70
N PRO A 234 -5.13 -8.22 -15.44
CA PRO A 234 -6.24 -8.53 -16.38
C PRO A 234 -5.98 -7.86 -17.69
N PRO A 235 -6.47 -8.45 -18.79
CA PRO A 235 -6.16 -7.81 -20.13
C PRO A 235 -6.99 -6.59 -20.36
N PRO A 236 -6.54 -5.72 -21.27
CA PRO A 236 -7.19 -4.46 -21.48
C PRO A 236 -8.71 -4.58 -21.85
N GLU A 237 -9.05 -5.67 -22.62
CA GLU A 237 -10.41 -5.79 -23.09
C GLU A 237 -11.43 -5.99 -21.93
N GLU A 238 -10.91 -6.25 -20.74
N GLU A 238 -10.92 -6.45 -20.80
CA GLU A 238 -11.74 -6.43 -19.55
CA GLU A 238 -11.75 -6.68 -19.61
C GLU A 238 -11.97 -5.09 -18.84
C GLU A 238 -12.03 -5.36 -18.89
N GLU A 239 -11.41 -4.02 -19.42
N GLU A 239 -11.48 -4.27 -19.42
CA GLU A 239 -11.54 -2.67 -18.89
CA GLU A 239 -11.66 -2.93 -18.87
C GLU A 239 -11.19 -2.55 -17.41
C GLU A 239 -11.35 -2.81 -17.37
N PRO A 240 -10.16 -3.30 -16.95
CA PRO A 240 -9.82 -3.17 -15.54
C PRO A 240 -9.31 -1.77 -15.22
N LEU A 241 -9.36 -1.42 -13.92
CA LEU A 241 -8.57 -0.32 -13.38
C LEU A 241 -7.18 -0.86 -13.03
N VAL A 242 -6.12 -0.16 -13.42
CA VAL A 242 -4.76 -0.53 -13.06
C VAL A 242 -4.23 0.48 -12.08
N LEU A 243 -3.91 0.00 -10.90
CA LEU A 243 -3.30 0.80 -9.81
C LEU A 243 -1.82 0.52 -9.75
N MET A 244 -1.03 1.61 -9.50
N MET A 244 -1.03 1.47 -9.51
CA MET A 244 0.40 1.32 -9.39
CA MET A 244 0.42 1.48 -9.37
C MET A 244 0.97 2.16 -8.25
C MET A 244 0.91 2.23 -8.13
N CYS A 245 1.97 1.65 -7.56
CA CYS A 245 2.61 2.36 -6.46
C CYS A 245 3.99 1.80 -6.22
N GLY A 246 5.00 2.63 -6.21
CA GLY A 246 6.35 2.20 -5.97
C GLY A 246 7.31 3.32 -6.21
N PRO A 247 8.59 3.02 -6.27
CA PRO A 247 9.59 4.11 -6.51
C PRO A 247 9.27 4.87 -7.77
N PRO A 248 9.54 6.16 -7.80
CA PRO A 248 9.33 6.93 -9.04
C PRO A 248 9.94 6.31 -10.27
N PRO A 249 11.14 5.77 -10.32
CA PRO A 249 11.60 5.14 -11.58
C PRO A 249 10.83 3.92 -11.95
N MET A 250 10.38 3.26 -10.87
N MET A 250 10.26 3.08 -11.02
CA MET A 250 9.54 2.13 -11.27
CA MET A 250 9.37 1.94 -11.37
C MET A 250 8.32 2.55 -12.07
C MET A 250 8.13 2.44 -12.11
N ILE A 251 7.60 3.55 -11.62
CA ILE A 251 6.41 4.07 -12.32
C ILE A 251 6.80 4.54 -13.70
N GLN A 252 7.84 5.39 -13.76
CA GLN A 252 8.19 6.05 -14.99
C GLN A 252 8.69 5.09 -16.06
N TYR A 253 9.48 4.14 -15.72
N TYR A 253 9.68 4.20 -15.60
CA TYR A 253 10.13 3.33 -16.78
CA TYR A 253 10.57 3.42 -16.47
C TYR A 253 9.56 1.90 -16.81
C TYR A 253 9.97 2.04 -16.73
N ALA A 254 9.20 1.40 -15.73
CA ALA A 254 8.74 0.02 -15.77
C ALA A 254 7.23 -0.03 -16.01
N CYS A 255 6.44 0.82 -15.39
CA CYS A 255 5.01 0.73 -15.48
C CYS A 255 4.48 1.46 -16.70
N LEU A 256 4.64 2.80 -16.79
CA LEU A 256 3.98 3.53 -17.83
C LEU A 256 4.23 3.02 -19.26
N PRO A 257 5.50 2.79 -19.66
CA PRO A 257 5.69 2.40 -21.06
C PRO A 257 5.10 1.00 -21.35
N ASN A 258 5.16 0.13 -20.37
CA ASN A 258 4.67 -1.22 -20.56
C ASN A 258 3.17 -1.32 -20.51
N LEU A 259 2.53 -0.48 -19.69
CA LEU A 259 1.04 -0.37 -19.78
C LEU A 259 0.61 0.14 -21.15
N GLU A 260 1.38 1.04 -21.62
N GLU A 260 1.35 1.10 -21.81
CA GLU A 260 1.05 1.52 -22.97
CA GLU A 260 1.06 1.52 -23.18
C GLU A 260 1.21 0.42 -23.99
C GLU A 260 1.16 0.36 -24.15
N ARG A 261 2.28 -0.36 -23.95
CA ARG A 261 2.54 -1.47 -24.85
C ARG A 261 1.42 -2.51 -24.84
N VAL A 262 0.92 -2.82 -23.66
CA VAL A 262 -0.17 -3.82 -23.52
C VAL A 262 -1.50 -3.19 -23.96
N GLY A 263 -1.70 -1.92 -23.81
CA GLY A 263 -2.92 -1.24 -24.21
C GLY A 263 -3.86 -0.83 -23.10
N HIS A 264 -3.39 -0.74 -21.88
CA HIS A 264 -4.15 -0.18 -20.80
C HIS A 264 -4.09 1.38 -20.94
N PRO A 265 -5.21 2.01 -21.16
CA PRO A 265 -5.19 3.45 -21.43
C PRO A 265 -4.93 4.21 -20.20
N LYS A 266 -4.45 5.44 -20.34
CA LYS A 266 -4.15 6.26 -19.18
C LYS A 266 -5.39 6.54 -18.33
N GLU A 267 -6.51 6.68 -18.88
CA GLU A 267 -7.75 6.95 -18.17
C GLU A 267 -8.23 5.78 -17.32
N ARG A 268 -7.54 4.64 -17.42
N ARG A 268 -7.67 4.57 -17.49
CA ARG A 268 -7.89 3.45 -16.65
CA ARG A 268 -8.04 3.43 -16.61
C ARG A 268 -6.77 3.07 -15.69
C ARG A 268 -6.86 3.06 -15.69
N CYS A 269 -5.81 3.97 -15.58
CA CYS A 269 -4.70 3.79 -14.74
C CYS A 269 -4.69 4.87 -13.63
N PHE A 270 -4.10 4.51 -12.49
CA PHE A 270 -3.97 5.43 -11.37
C PHE A 270 -2.66 5.14 -10.61
N ALA A 271 -1.87 6.11 -10.40
CA ALA A 271 -0.66 6.00 -9.55
C ALA A 271 -0.95 6.66 -8.22
N PHE A 272 -0.81 5.90 -7.13
CA PHE A 272 -0.87 6.46 -5.78
C PHE A 272 0.19 7.53 -5.57
PA FDA B . 14.27 10.98 3.66
O1A FDA B . 15.26 11.53 4.57
O2A FDA B . 13.19 11.85 3.21
O5B FDA B . 14.98 10.43 2.40
C5B FDA B . 16.07 9.58 2.32
C5B FDA B . 14.97 10.56 1.01
C4B FDA B . 15.96 8.77 1.04
C4B FDA B . 15.18 9.24 0.34
O4B FDA B . 17.30 8.27 0.84
O4B FDA B . 16.56 8.79 0.45
C3B FDA B . 15.10 7.53 1.20
C3B FDA B . 14.41 8.04 0.90
O3B FDA B . 13.77 7.75 0.81
O3B FDA B . 13.03 8.10 0.59
C2B FDA B . 15.79 6.52 0.29
C2B FDA B . 15.12 6.89 0.18
O2B FDA B . 15.43 6.61 -1.06
O2B FDA B . 14.71 6.75 -1.18
C1B FDA B . 17.26 6.91 0.47
C1B FDA B . 16.56 7.41 0.18
N9A FDA B . 17.95 6.14 1.48
N9A FDA B . 17.38 6.77 1.22
C8A FDA B . 18.45 6.58 2.68
C8A FDA B . 17.82 7.31 2.40
N7A FDA B . 19.07 5.67 3.38
N7A FDA B . 18.54 6.50 3.12
C5A FDA B . 18.96 4.53 2.59
C5A FDA B . 18.57 5.33 2.36
C6A FDA B . 19.34 3.18 2.82
C6A FDA B . 19.19 4.08 2.57
N6A FDA B . 19.96 2.75 3.91
N6A FDA B . 19.89 3.81 3.67
N1A FDA B . 19.05 2.30 1.86
N1A FDA B . 19.04 3.13 1.63
C2A FDA B . 18.44 2.72 0.76
C2A FDA B . 18.30 3.43 0.55
N3A FDA B . 18.01 3.95 0.43
N3A FDA B . 17.66 4.56 0.24
C4A FDA B . 18.30 4.81 1.42
C4A FDA B . 17.84 5.49 1.18
N1 FDA B . 6.71 4.65 3.07
C2 FDA B . 6.50 3.56 3.82
O2 FDA B . 7.46 2.93 4.36
N3 FDA B . 5.23 3.09 4.04
C4 FDA B . 4.10 3.73 3.59
O4 FDA B . 2.94 3.29 3.87
C4X FDA B . 4.32 4.86 2.78
N5 FDA B . 3.22 5.62 2.35
C5X FDA B . 3.45 6.69 1.46
C6 FDA B . 2.41 7.40 0.93
C7 FDA B . 2.58 8.41 0.02
C7M FDA B . 1.39 9.20 -0.49
C8 FDA B . 3.89 8.70 -0.42
C8M FDA B . 4.13 9.78 -1.44
C9 FDA B . 4.95 8.02 0.14
C9A FDA B . 4.77 7.03 1.13
N10 FDA B . 5.86 6.39 1.77
C10 FDA B . 5.64 5.27 2.56
C1' FDA B . 7.21 7.00 1.78
C2' FDA B . 7.40 7.92 2.99
O2' FDA B . 6.53 9.07 2.89
C3' FDA B . 8.82 8.43 3.14
O3' FDA B . 9.22 9.06 1.91
C4' FDA B . 9.85 7.41 3.55
O4' FDA B . 9.47 6.87 4.84
C5' FDA B . 11.23 7.95 3.60
O5' FDA B . 11.22 9.15 4.44
P FDA B . 12.47 9.48 5.36
O1P FDA B . 12.18 10.80 5.99
O2P FDA B . 12.84 8.34 6.22
O3P FDA B . 13.66 9.63 4.29
HN3 FDA B . 5.14 2.36 4.48
HN5 FDA B . 2.47 5.16 2.19
H6 FDA B . 1.54 7.19 1.19
HM71 FDA B . 1.70 9.86 -1.12
HM72 FDA B . 0.78 8.60 -0.93
HM73 FDA B . 0.95 9.63 0.25
HM81 FDA B . 3.30 10.15 -1.73
HM82 FDA B . 4.67 10.47 -1.04
HM83 FDA B . 4.61 9.40 -2.19
H9 FDA B . 5.81 8.22 -0.13
H1'1 FDA B . 7.35 7.52 0.97
H1'2 FDA B . 7.89 6.31 1.80
H2' FDA B . 7.16 7.42 3.80
H3' FDA B . 8.81 9.14 3.82
H4' FDA B . 9.83 6.68 2.90
H5'1 FDA B . 11.83 7.29 3.97
H5'2 FDA B . 11.53 8.17 2.70
PA NAD C . 12.97 -0.39 -3.47
O1A NAD C . 14.06 0.60 -3.77
O2A NAD C . 13.29 -1.51 -2.57
O5B NAD C . 12.47 -0.88 -4.88
C5B NAD C . 11.32 -1.78 -4.99
C4B NAD C . 11.18 -2.18 -6.44
O4B NAD C . 10.98 -1.02 -7.27
C3B NAD C . 12.38 -2.85 -7.10
O3B NAD C . 12.48 -4.21 -6.66
C2B NAD C . 12.13 -2.64 -8.56
O2B NAD C . 11.15 -3.58 -9.08
C1B NAD C . 11.44 -1.30 -8.58
N9A NAD C . 12.35 -0.20 -8.97
C8A NAD C . 13.26 0.46 -8.20
N7A NAD C . 14.10 1.19 -8.90
C5A NAD C . 13.73 0.97 -10.23
C6A NAD C . 14.29 1.37 -11.46
N6A NAD C . 15.37 2.17 -11.51
N1A NAD C . 13.70 0.98 -12.57
C2A NAD C . 12.65 0.11 -12.49
N3A NAD C . 12.06 -0.34 -11.38
C4A NAD C . 12.65 0.10 -10.28
O3 NAD C . 11.67 0.37 -2.94
PN NAD C . 11.31 1.01 -1.51
O1N NAD C . 12.56 1.50 -0.88
O2N NAD C . 10.46 0.05 -0.76
O5D NAD C . 10.48 2.27 -1.98
C5D NAD C . 9.04 2.23 -2.05
C4D NAD C . 8.63 3.46 -2.82
O4D NAD C . 7.19 3.47 -2.88
C3D NAD C . 9.05 4.78 -2.27
O3D NAD C . 9.50 5.65 -3.32
C2D NAD C . 7.81 5.33 -1.64
O2D NAD C . 7.72 6.76 -1.57
C1D NAD C . 6.75 4.78 -2.57
N1N NAD C . 5.42 4.68 -1.98
C2N NAD C . 4.47 5.56 -2.41
C3N NAD C . 3.20 5.55 -1.87
C7N NAD C . 2.12 6.44 -2.44
O7N NAD C . 0.98 6.30 -2.03
N7N NAD C . 2.48 7.34 -3.38
C4N NAD C . 2.91 4.63 -0.85
C5N NAD C . 3.90 3.78 -0.40
C6N NAD C . 5.17 3.82 -0.94
H51A NAD C . 10.51 -1.33 -4.69
H52A NAD C . 11.46 -2.56 -4.44
H4B NAD C . 10.40 -2.76 -6.53
H3B NAD C . 13.19 -2.38 -6.85
H2B NAD C . 12.96 -2.64 -9.08
H1B NAD C . 10.67 -1.33 -9.19
H8A NAD C . 13.29 0.40 -7.27
H2A NAD C . 12.32 -0.20 -13.30
H4D NAD C . 8.99 3.39 -3.73
H3D NAD C . 9.76 4.67 -1.58
H2D NAD C . 7.69 4.94 -0.75
H1D NAD C . 6.70 5.33 -3.38
H2N NAD C . 4.69 6.18 -3.07
H4N NAD C . 2.05 4.59 -0.49
H5N NAD C . 3.71 3.17 0.29
H6N NAD C . 5.83 3.26 -0.61
#